data_7EXY
#
_entry.id   7EXY
#
_entity_poly.entity_id   1
_entity_poly.type   'polyribonucleotide'
_entity_poly.pdbx_seq_one_letter_code
;UUGGUUUGAUUCCAAG
;
_entity_poly.pdbx_strand_id   A
#
loop_
_chem_comp.id
_chem_comp.type
_chem_comp.name
_chem_comp.formula
A RNA linking ADENOSINE-5'-MONOPHOSPHATE 'C10 H14 N5 O7 P'
C RNA linking CYTIDINE-5'-MONOPHOSPHATE 'C9 H14 N3 O8 P'
G RNA linking GUANOSINE-5'-MONOPHOSPHATE 'C10 H14 N5 O8 P'
U RNA linking URIDINE-5'-MONOPHOSPHATE 'C9 H13 N2 O9 P'
#